data_7F4P
#
_entry.id   7F4P
#
_cell.length_a   137.032
_cell.length_b   137.032
_cell.length_c   61.629
_cell.angle_alpha   90.000
_cell.angle_beta   90.000
_cell.angle_gamma   120.000
#
_symmetry.space_group_name_H-M   'P 32 2 1'
#
loop_
_entity.id
_entity.type
_entity.pdbx_description
1 polymer 'Transmembrane protein, putative'
2 polymer 'MT-a70 family protein'
3 non-polymer S-ADENOSYLMETHIONINE
4 water water
#
loop_
_entity_poly.entity_id
_entity_poly.type
_entity_poly.pdbx_seq_one_letter_code
_entity_poly.pdbx_strand_id
1 'polypeptide(L)'
;MKKNGKSQNQPLDFTQYAKNMRKDLSNQDICLEDGALNHSYFLTKKGQYWTPLNQKALQRGIELFGVGNWKEINYDEFSG
KANIVELELRTCMILGINDITEYYGKKISEEEQEEIKKSNIAKGKKENKLKDNIYQKLQQMQ
;
B
2 'polypeptide(L)'
;DDYLDRLPKSKKGLQGLLQDIEKRILHYKQLFFKEQNEIANGKRSMVPDNSIPICSDVTKLNFQALIDAQMRHAGKMFDV
IMMDPPWQLSSSQPSRGVAIAYDSLSDEKIQNMPIQSLQQDGFIFVWAINAKYRVTIKMIENWGYKLVDEITWVKKTVNG
KIAKGHGFYLQHAKESCLIGVKGDVDNGRFKKNIASDVIFSERRGQSQKPEEIYQYINQLCPNGNYLEIFARRNNLHDNW
VSIGNEL
;
A
#
loop_
_chem_comp.id
_chem_comp.type
_chem_comp.name
_chem_comp.formula
SAM non-polymer S-ADENOSYLMETHIONINE 'C15 H22 N6 O5 S'
#
# COMPACT_ATOMS: atom_id res chain seq x y z
N PRO A 11 6.61 -20.44 -18.06
CA PRO A 11 7.43 -21.47 -17.43
C PRO A 11 8.01 -20.97 -16.12
N LEU A 12 7.61 -19.77 -15.70
CA LEU A 12 7.97 -19.27 -14.38
C LEU A 12 6.70 -19.10 -13.55
N ASP A 13 6.80 -19.46 -12.28
CA ASP A 13 5.57 -19.22 -11.54
C ASP A 13 5.82 -18.05 -10.60
N PHE A 14 4.99 -17.06 -10.95
CA PHE A 14 5.09 -15.76 -10.30
C PHE A 14 4.50 -15.79 -8.90
N THR A 15 3.63 -16.76 -8.62
CA THR A 15 3.07 -16.89 -7.28
C THR A 15 4.15 -17.22 -6.27
N GLN A 16 4.90 -18.25 -6.61
CA GLN A 16 6.00 -18.68 -5.79
C GLN A 16 7.07 -17.62 -5.75
N TYR A 17 7.32 -17.01 -6.90
CA TYR A 17 8.36 -16.01 -7.01
C TYR A 17 8.04 -14.84 -6.12
N ALA A 18 6.79 -14.44 -6.11
CA ALA A 18 6.40 -13.32 -5.30
C ALA A 18 6.60 -13.65 -3.85
N LYS A 19 6.20 -14.86 -3.47
CA LYS A 19 6.27 -15.22 -2.08
C LYS A 19 7.69 -15.28 -1.59
N ASN A 20 8.57 -15.86 -2.39
CA ASN A 20 9.96 -15.93 -1.99
C ASN A 20 10.56 -14.57 -1.89
N MET A 21 10.27 -13.73 -2.86
CA MET A 21 10.75 -12.35 -2.85
C MET A 21 10.16 -11.60 -1.71
N ARG A 22 8.90 -11.84 -1.48
CA ARG A 22 8.20 -11.10 -0.50
C ARG A 22 8.85 -11.35 0.83
N LYS A 23 9.23 -12.58 1.11
CA LYS A 23 9.82 -12.92 2.41
C LYS A 23 11.13 -12.23 2.75
N ASP A 24 12.06 -12.24 1.80
CA ASP A 24 13.33 -11.54 1.94
C ASP A 24 13.21 -10.04 1.94
N LEU A 25 12.34 -9.51 1.09
CA LEU A 25 12.30 -8.08 0.84
C LEU A 25 11.20 -7.31 1.52
N SER A 26 10.03 -7.91 1.59
CA SER A 26 8.81 -7.34 2.10
C SER A 26 8.91 -7.10 3.57
N ASN A 27 8.36 -5.98 4.03
CA ASN A 27 8.46 -5.62 5.42
C ASN A 27 7.62 -6.58 6.23
N GLN A 28 7.83 -6.64 7.54
CA GLN A 28 7.27 -7.75 8.30
C GLN A 28 5.78 -7.80 8.18
N ASP A 29 5.13 -6.67 8.35
CA ASP A 29 3.69 -6.65 8.37
C ASP A 29 3.04 -6.88 7.02
N ILE A 30 3.80 -6.69 5.96
CA ILE A 30 3.29 -6.90 4.60
C ILE A 30 2.97 -8.33 4.27
N CYS A 31 3.81 -9.25 4.71
CA CYS A 31 3.67 -10.62 4.30
C CYS A 31 3.60 -11.49 5.51
N LEU A 32 3.05 -12.66 5.29
CA LEU A 32 2.88 -13.64 6.35
C LEU A 32 4.13 -14.51 6.47
N GLU A 33 4.17 -15.31 7.53
CA GLU A 33 5.35 -16.14 7.77
C GLU A 33 5.49 -17.24 6.72
N ASP A 34 4.42 -17.49 5.97
CA ASP A 34 4.51 -18.46 4.88
C ASP A 34 4.97 -17.78 3.59
N GLY A 35 5.00 -16.45 3.57
CA GLY A 35 5.41 -15.71 2.39
C GLY A 35 4.32 -14.87 1.77
N ALA A 36 3.08 -15.32 1.77
CA ALA A 36 2.00 -14.56 1.15
C ALA A 36 1.76 -13.25 1.90
N LEU A 37 1.05 -12.36 1.22
CA LEU A 37 0.79 -11.02 1.72
C LEU A 37 -0.52 -10.93 2.42
N ASN A 38 -0.54 -10.25 3.56
CA ASN A 38 -1.74 -10.21 4.35
C ASN A 38 -2.54 -8.97 4.10
N HIS A 39 -3.77 -9.19 3.68
CA HIS A 39 -4.65 -8.15 3.22
C HIS A 39 -5.11 -7.25 4.34
N SER A 40 -4.86 -7.66 5.56
CA SER A 40 -5.17 -6.84 6.70
C SER A 40 -4.37 -5.56 6.61
N TYR A 41 -3.13 -5.68 6.16
CA TYR A 41 -2.20 -4.57 6.08
C TYR A 41 -2.67 -3.54 5.11
N PHE A 42 -3.21 -4.01 3.99
CA PHE A 42 -3.52 -3.12 2.90
C PHE A 42 -4.90 -2.53 2.96
N LEU A 43 -5.68 -2.97 3.93
CA LEU A 43 -7.00 -2.39 4.16
C LEU A 43 -6.95 -1.41 5.30
N THR A 44 -5.75 -1.18 5.81
CA THR A 44 -5.52 -0.19 6.83
C THR A 44 -4.52 0.80 6.32
N LYS A 45 -4.86 2.06 6.41
CA LYS A 45 -4.07 3.09 5.82
C LYS A 45 -2.74 3.21 6.48
N LYS A 46 -1.72 3.51 5.70
CA LYS A 46 -0.52 4.09 6.24
C LYS A 46 0.09 3.26 7.36
N GLY A 47 0.40 3.89 8.47
CA GLY A 47 1.04 3.25 9.58
C GLY A 47 0.01 2.95 10.63
N GLN A 48 -1.23 2.79 10.19
CA GLN A 48 -2.32 2.50 11.08
C GLN A 48 -2.70 1.03 11.30
N TYR A 49 -2.06 0.11 10.60
CA TYR A 49 -2.39 -1.30 10.76
C TYR A 49 -2.07 -1.82 12.15
N TRP A 50 -2.94 -2.70 12.65
CA TRP A 50 -2.92 -3.16 14.03
C TRP A 50 -2.31 -4.52 14.09
N THR A 51 -1.12 -4.57 14.66
CA THR A 51 -0.30 -5.74 14.75
C THR A 51 -0.85 -6.66 15.79
N PRO A 52 -0.69 -8.03 15.55
CA PRO A 52 -1.19 -8.88 16.63
C PRO A 52 -0.34 -8.72 17.85
N LEU A 53 0.82 -8.08 17.72
CA LEU A 53 1.68 -7.98 18.89
C LEU A 53 1.26 -6.84 19.80
N ASN A 54 0.67 -5.78 19.26
CA ASN A 54 0.09 -4.76 20.11
C ASN A 54 -1.38 -5.00 20.37
N GLN A 55 -1.94 -6.08 19.84
CA GLN A 55 -3.25 -6.54 20.30
C GLN A 55 -3.16 -7.13 21.70
N LYS A 56 -2.16 -7.96 21.95
CA LYS A 56 -1.93 -8.46 23.29
C LYS A 56 -1.54 -7.32 24.23
N ALA A 57 -1.07 -6.20 23.70
CA ALA A 57 -0.68 -5.08 24.53
C ALA A 57 -1.89 -4.34 25.07
N LEU A 58 -2.93 -4.22 24.25
CA LEU A 58 -4.17 -3.66 24.76
C LEU A 58 -4.81 -4.58 25.79
N GLN A 59 -4.83 -5.88 25.50
CA GLN A 59 -5.38 -6.85 26.44
C GLN A 59 -4.55 -6.88 27.72
N ARG A 60 -3.26 -6.56 27.63
CA ARG A 60 -2.44 -6.52 28.81
C ARG A 60 -2.66 -5.25 29.61
N GLY A 61 -3.02 -4.16 28.95
CA GLY A 61 -3.20 -2.90 29.65
C GLY A 61 -4.54 -2.81 30.36
N ILE A 62 -5.57 -3.44 29.81
CA ILE A 62 -6.86 -3.52 30.49
C ILE A 62 -6.72 -4.33 31.77
N GLU A 63 -5.79 -5.30 31.77
CA GLU A 63 -5.60 -6.12 32.96
C GLU A 63 -4.86 -5.36 34.05
N LEU A 64 -3.94 -4.48 33.66
CA LEU A 64 -3.09 -3.79 34.61
C LEU A 64 -3.71 -2.49 35.12
N PHE A 65 -4.25 -1.72 34.19
CA PHE A 65 -4.75 -0.39 34.49
C PHE A 65 -6.26 -0.26 34.42
N GLY A 66 -6.93 -1.16 33.74
CA GLY A 66 -8.37 -1.11 33.66
C GLY A 66 -8.93 -0.35 32.49
N VAL A 67 -10.21 -0.47 32.25
CA VAL A 67 -10.85 0.13 31.10
C VAL A 67 -10.89 1.64 31.21
N GLY A 68 -10.77 2.34 30.11
CA GLY A 68 -10.84 3.78 30.09
C GLY A 68 -9.65 4.47 30.68
N ASN A 69 -8.57 3.75 30.81
CA ASN A 69 -7.36 4.23 31.46
C ASN A 69 -6.34 4.59 30.42
N TRP A 70 -6.83 4.87 29.23
CA TRP A 70 -6.05 4.86 28.02
C TRP A 70 -4.89 5.80 28.10
N LYS A 71 -5.07 6.94 28.74
CA LYS A 71 -3.94 7.79 29.01
C LYS A 71 -3.01 6.99 29.89
N GLU A 72 -3.60 6.32 30.87
CA GLU A 72 -2.84 5.48 31.76
C GLU A 72 -2.22 4.33 31.01
N ILE A 73 -2.99 3.69 30.15
CA ILE A 73 -2.49 2.56 29.41
C ILE A 73 -1.78 2.94 28.13
N ASN A 74 -1.98 4.17 27.67
CA ASN A 74 -1.28 4.58 26.47
C ASN A 74 0.19 4.61 26.72
N TYR A 75 0.59 5.14 27.86
CA TYR A 75 2.01 5.28 28.12
C TYR A 75 2.72 3.96 28.19
N ASP A 76 2.14 3.00 28.89
CA ASP A 76 2.80 1.73 29.09
C ASP A 76 2.99 0.82 27.92
N GLU A 77 1.94 0.58 27.14
CA GLU A 77 2.02 -0.45 26.14
C GLU A 77 1.95 0.07 24.72
N PHE A 78 1.57 1.32 24.57
CA PHE A 78 1.55 1.96 23.27
C PHE A 78 2.29 3.26 23.42
N SER A 79 3.59 3.18 23.37
CA SER A 79 4.45 4.02 24.14
C SER A 79 4.12 5.48 23.86
N GLY A 80 3.71 5.78 22.63
CA GLY A 80 3.33 7.12 22.30
C GLY A 80 1.95 7.21 21.73
N LYS A 81 1.79 6.68 20.53
CA LYS A 81 0.56 6.88 19.84
C LYS A 81 -0.07 5.65 19.33
N ALA A 82 -1.26 5.40 19.86
CA ALA A 82 -2.31 4.72 19.20
C ALA A 82 -3.44 5.62 19.55
N ASN A 83 -4.34 5.88 18.64
CA ASN A 83 -5.45 6.75 19.01
C ASN A 83 -6.45 6.17 19.99
N ILE A 84 -6.72 6.96 21.02
CA ILE A 84 -7.51 6.52 22.13
C ILE A 84 -8.91 6.22 21.71
N VAL A 85 -9.30 6.73 20.56
CA VAL A 85 -10.54 6.28 19.96
C VAL A 85 -10.36 4.82 19.58
N GLU A 86 -9.21 4.47 19.04
CA GLU A 86 -9.02 3.11 18.57
C GLU A 86 -9.09 2.12 19.71
N LEU A 87 -8.46 2.48 20.80
CA LEU A 87 -8.39 1.62 21.97
C LEU A 87 -9.77 1.30 22.50
N GLU A 88 -10.59 2.33 22.71
CA GLU A 88 -11.95 2.09 23.19
C GLU A 88 -12.77 1.34 22.17
N LEU A 89 -12.39 1.43 20.90
CA LEU A 89 -13.11 0.73 19.84
C LEU A 89 -12.72 -0.74 19.80
N ARG A 90 -11.44 -1.04 20.03
CA ARG A 90 -11.01 -2.43 20.10
C ARG A 90 -11.41 -3.06 21.41
N THR A 91 -11.47 -2.27 22.48
CA THR A 91 -11.92 -2.80 23.76
C THR A 91 -13.38 -3.22 23.70
N CYS A 92 -14.16 -2.60 22.82
CA CYS A 92 -15.50 -3.15 22.73
C CYS A 92 -15.51 -4.40 21.85
N MET A 93 -14.48 -4.59 21.06
CA MET A 93 -14.22 -5.86 20.46
C MET A 93 -13.82 -6.98 21.41
N ILE A 94 -13.08 -6.64 22.43
CA ILE A 94 -12.56 -7.59 23.39
C ILE A 94 -13.68 -8.11 24.29
N LEU A 95 -14.61 -7.23 24.65
CA LEU A 95 -15.68 -7.57 25.56
C LEU A 95 -16.98 -7.92 24.85
N GLY A 96 -16.97 -8.01 23.52
CA GLY A 96 -18.12 -8.44 22.76
C GLY A 96 -19.35 -7.58 22.87
N ILE A 97 -19.20 -6.31 23.14
CA ILE A 97 -20.33 -5.46 23.35
C ILE A 97 -20.09 -4.14 22.64
N ASN A 98 -21.13 -3.46 22.16
CA ASN A 98 -20.92 -2.15 21.56
C ASN A 98 -21.08 -0.94 22.46
N ASP A 99 -21.48 -1.18 23.70
CA ASP A 99 -21.47 -0.15 24.71
C ASP A 99 -20.60 -0.66 25.81
N ILE A 100 -19.52 0.04 26.08
CA ILE A 100 -18.51 -0.43 27.01
C ILE A 100 -18.58 0.37 28.30
N THR A 101 -19.66 1.09 28.45
CA THR A 101 -19.89 1.99 29.54
C THR A 101 -19.94 1.24 30.86
N GLU A 102 -20.55 0.06 30.81
CA GLU A 102 -20.86 -0.77 31.95
C GLU A 102 -19.59 -1.19 32.65
N TYR A 103 -18.57 -1.41 31.84
CA TYR A 103 -17.28 -1.93 32.26
C TYR A 103 -16.24 -0.93 32.69
N TYR A 104 -16.55 0.36 32.58
CA TYR A 104 -15.53 1.35 32.72
C TYR A 104 -14.88 1.33 34.08
N GLY A 105 -13.56 1.47 34.09
CA GLY A 105 -12.79 1.67 35.28
C GLY A 105 -12.45 0.39 35.99
N LYS A 106 -12.95 -0.71 35.46
CA LYS A 106 -12.65 -2.03 35.98
C LYS A 106 -11.43 -2.60 35.27
N LYS A 107 -10.47 -3.10 36.04
CA LYS A 107 -9.30 -3.90 35.72
C LYS A 107 -9.75 -5.29 35.32
N ILE A 108 -9.58 -5.69 34.08
CA ILE A 108 -10.17 -6.94 33.67
C ILE A 108 -9.10 -7.85 33.14
N SER A 109 -9.01 -9.05 33.68
CA SER A 109 -8.02 -10.00 33.26
C SER A 109 -8.32 -10.56 31.91
N GLU A 110 -7.29 -11.03 31.25
CA GLU A 110 -7.46 -11.62 29.97
C GLU A 110 -8.36 -12.78 30.12
N GLU A 111 -8.33 -13.43 31.27
CA GLU A 111 -9.21 -14.54 31.56
C GLU A 111 -10.65 -14.18 31.64
N GLU A 112 -10.94 -13.07 32.28
CA GLU A 112 -12.26 -12.48 32.37
C GLU A 112 -12.81 -11.89 31.11
N GLN A 113 -11.94 -11.24 30.34
CA GLN A 113 -12.33 -10.53 29.15
C GLN A 113 -12.93 -11.51 28.21
N GLU A 114 -12.29 -12.65 28.17
CA GLU A 114 -12.70 -13.81 27.40
C GLU A 114 -14.02 -14.37 27.84
N GLU A 115 -14.23 -14.42 29.14
CA GLU A 115 -15.50 -14.79 29.72
C GLU A 115 -16.63 -13.81 29.45
N ILE A 116 -16.35 -12.54 29.60
CA ILE A 116 -17.32 -11.52 29.30
C ILE A 116 -17.66 -11.60 27.84
N LYS A 117 -16.67 -11.77 27.00
CA LYS A 117 -16.94 -11.84 25.57
C LYS A 117 -17.82 -13.02 25.23
N LYS A 118 -17.53 -14.19 25.80
CA LYS A 118 -18.44 -15.25 25.42
C LYS A 118 -19.77 -15.13 26.16
N SER A 119 -19.87 -14.37 27.25
CA SER A 119 -21.20 -14.21 27.83
C SER A 119 -22.01 -13.16 27.07
N ASN A 120 -21.43 -12.04 26.68
CA ASN A 120 -22.18 -11.02 25.96
C ASN A 120 -22.59 -11.49 24.58
N ILE A 121 -21.79 -12.36 23.96
CA ILE A 121 -22.11 -12.82 22.61
C ILE A 121 -23.25 -13.83 22.64
N ALA A 122 -23.20 -14.81 23.56
CA ALA A 122 -24.29 -15.76 23.68
C ALA A 122 -25.57 -15.06 24.10
N LYS A 123 -25.46 -14.07 24.99
CA LYS A 123 -26.62 -13.29 25.38
C LYS A 123 -27.23 -12.57 24.19
N GLY A 124 -26.41 -11.86 23.42
CA GLY A 124 -26.93 -11.10 22.29
C GLY A 124 -27.47 -11.99 21.19
N LYS A 125 -27.06 -13.25 21.17
CA LYS A 125 -27.58 -14.14 20.13
C LYS A 125 -28.95 -14.69 20.51
N LYS A 126 -29.13 -15.00 21.78
CA LYS A 126 -30.45 -15.28 22.30
C LYS A 126 -31.36 -14.07 22.25
N GLU A 127 -30.84 -12.92 22.63
CA GLU A 127 -31.59 -11.69 22.56
C GLU A 127 -31.76 -11.29 21.12
N ASN A 128 -30.98 -11.89 20.25
CA ASN A 128 -30.98 -11.58 18.83
C ASN A 128 -30.55 -10.18 18.62
N LYS A 129 -29.69 -9.72 19.50
CA LYS A 129 -29.14 -8.38 19.46
C LYS A 129 -27.64 -8.44 19.16
N LEU A 130 -27.24 -9.45 18.41
CA LEU A 130 -25.87 -9.59 18.01
C LEU A 130 -25.70 -9.20 16.57
N LYS A 131 -24.86 -8.20 16.31
CA LYS A 131 -24.51 -7.81 14.97
C LYS A 131 -23.01 -7.85 14.81
N ASP A 132 -22.52 -8.61 13.85
CA ASP A 132 -21.07 -8.68 13.63
C ASP A 132 -20.32 -9.15 14.88
N ASN A 133 -20.80 -10.23 15.50
CA ASN A 133 -20.20 -10.82 16.69
C ASN A 133 -20.05 -9.84 17.84
N ILE A 134 -20.85 -8.77 17.85
CA ILE A 134 -20.83 -7.78 18.92
C ILE A 134 -22.25 -7.59 19.41
N TYR A 135 -22.42 -7.57 20.72
CA TYR A 135 -23.74 -7.46 21.32
C TYR A 135 -24.21 -6.01 21.31
N GLN A 136 -25.44 -5.79 20.84
CA GLN A 136 -25.95 -4.43 20.77
C GLN A 136 -26.77 -4.11 22.02
N LYS A 137 -26.23 -3.14 22.77
CA LYS A 137 -26.75 -2.78 24.07
C LYS A 137 -27.72 -1.61 23.93
N LEU A 138 -28.87 -1.71 24.59
CA LEU A 138 -29.90 -0.70 24.47
C LEU A 138 -29.64 0.48 25.40
N GLN A 139 -30.15 1.65 25.01
CA GLN A 139 -29.95 2.87 25.78
C GLN A 139 -31.27 3.60 25.99
N GLN B 15 -31.58 22.87 16.96
CA GLN B 15 -31.16 21.80 16.07
C GLN B 15 -31.60 20.45 16.60
N GLY B 16 -31.87 20.36 17.90
CA GLY B 16 -32.30 19.12 18.51
C GLY B 16 -31.28 18.03 18.26
N LEU B 17 -30.02 18.43 18.28
CA LEU B 17 -28.95 17.61 17.77
C LEU B 17 -28.00 17.05 18.82
N LEU B 18 -28.49 16.69 19.99
CA LEU B 18 -27.63 15.89 20.84
C LEU B 18 -27.80 14.44 20.46
N GLN B 19 -29.05 14.06 20.24
CA GLN B 19 -29.43 12.69 19.87
C GLN B 19 -28.92 12.32 18.51
N ASP B 20 -28.92 13.29 17.60
CA ASP B 20 -28.26 13.14 16.34
C ASP B 20 -26.84 12.59 16.51
N ILE B 21 -26.00 13.36 17.21
CA ILE B 21 -24.59 13.02 17.34
C ILE B 21 -24.42 11.66 18.00
N GLU B 22 -25.27 11.34 18.97
CA GLU B 22 -25.21 10.01 19.59
C GLU B 22 -25.60 8.93 18.60
N LYS B 23 -26.32 9.30 17.54
CA LYS B 23 -26.77 8.31 16.56
C LYS B 23 -25.68 7.99 15.55
N ARG B 24 -24.91 9.00 15.15
CA ARG B 24 -23.84 8.78 14.18
C ARG B 24 -22.73 7.94 14.78
N ILE B 25 -22.51 8.05 16.09
CA ILE B 25 -21.40 7.35 16.73
C ILE B 25 -21.66 5.85 16.77
N LEU B 26 -22.83 5.44 17.28
CA LEU B 26 -23.15 4.02 17.36
C LEU B 26 -23.29 3.41 15.97
N HIS B 27 -23.67 4.20 14.98
CA HIS B 27 -23.73 3.68 13.62
C HIS B 27 -22.35 3.54 13.02
N TYR B 28 -21.45 4.48 13.34
CA TYR B 28 -20.12 4.45 12.75
C TYR B 28 -19.28 3.31 13.31
N LYS B 29 -19.45 3.01 14.60
CA LYS B 29 -18.69 1.93 15.23
C LYS B 29 -19.03 0.57 14.66
N GLN B 30 -20.27 0.39 14.20
CA GLN B 30 -20.67 -0.91 13.69
C GLN B 30 -20.01 -1.20 12.35
N LEU B 31 -19.65 -0.17 11.61
CA LEU B 31 -18.87 -0.37 10.39
C LEU B 31 -17.47 -0.85 10.73
N PHE B 32 -16.88 -0.28 11.77
CA PHE B 32 -15.60 -0.78 12.27
C PHE B 32 -15.74 -2.21 12.76
N PHE B 33 -16.78 -2.48 13.54
CA PHE B 33 -17.00 -3.84 14.04
C PHE B 33 -17.32 -4.80 12.91
N LYS B 34 -17.75 -4.28 11.76
CA LYS B 34 -18.07 -5.08 10.59
C LYS B 34 -16.82 -5.36 9.76
N GLU B 35 -16.06 -4.30 9.50
CA GLU B 35 -14.88 -4.41 8.66
C GLU B 35 -13.83 -5.30 9.32
N GLN B 36 -13.60 -5.08 10.62
CA GLN B 36 -12.60 -5.86 11.33
C GLN B 36 -12.98 -7.34 11.41
N ASN B 37 -14.26 -7.65 11.33
CA ASN B 37 -14.69 -9.05 11.35
C ASN B 37 -14.53 -9.68 9.98
N GLU B 38 -14.95 -8.98 8.93
CA GLU B 38 -14.71 -9.45 7.57
C GLU B 38 -13.22 -9.63 7.33
N ILE B 39 -12.40 -8.71 7.82
CA ILE B 39 -10.95 -8.87 7.77
C ILE B 39 -10.54 -10.16 8.46
N ALA B 40 -11.13 -10.43 9.63
CA ALA B 40 -10.82 -11.67 10.34
C ALA B 40 -11.30 -12.89 9.57
N ASN B 41 -12.31 -12.73 8.72
CA ASN B 41 -12.86 -13.82 7.93
C ASN B 41 -12.26 -13.92 6.55
N GLY B 42 -11.12 -13.26 6.30
CA GLY B 42 -10.43 -13.38 5.04
C GLY B 42 -10.85 -12.39 3.98
N LYS B 43 -11.22 -11.18 4.37
CA LYS B 43 -11.56 -10.21 3.37
C LYS B 43 -10.33 -9.95 2.56
N ARG B 44 -10.46 -10.04 1.25
CA ARG B 44 -9.34 -9.80 0.35
C ARG B 44 -9.02 -8.31 0.27
N SER B 45 -7.84 -8.01 -0.25
CA SER B 45 -7.45 -6.62 -0.46
C SER B 45 -7.64 -6.24 -1.92
N MET B 46 -7.60 -4.97 -2.24
CA MET B 46 -7.63 -4.64 -3.64
C MET B 46 -6.34 -5.16 -4.26
N VAL B 47 -5.27 -5.04 -3.50
CA VAL B 47 -3.94 -5.45 -3.95
C VAL B 47 -4.04 -6.78 -4.68
N PRO B 48 -3.56 -6.98 -5.90
CA PRO B 48 -3.50 -8.35 -6.44
C PRO B 48 -2.53 -9.20 -5.65
N ASP B 49 -2.68 -10.52 -5.79
CA ASP B 49 -1.98 -11.44 -4.90
C ASP B 49 -0.55 -11.71 -5.36
N ASN B 50 -0.17 -11.22 -6.54
CA ASN B 50 1.19 -11.47 -7.00
C ASN B 50 2.06 -10.22 -7.01
N SER B 51 1.69 -9.21 -6.25
CA SER B 51 2.61 -8.08 -6.22
C SER B 51 3.56 -8.20 -5.04
N ILE B 52 4.69 -7.51 -5.20
CA ILE B 52 5.79 -7.62 -4.24
C ILE B 52 6.08 -6.25 -3.66
N PRO B 53 5.21 -5.70 -2.81
CA PRO B 53 5.46 -4.36 -2.28
C PRO B 53 6.63 -4.34 -1.31
N ILE B 54 7.37 -3.23 -1.33
CA ILE B 54 8.51 -3.01 -0.46
C ILE B 54 8.44 -1.57 0.03
N CYS B 55 8.46 -1.39 1.34
CA CYS B 55 8.40 -0.02 1.86
C CYS B 55 9.73 0.31 2.51
N SER B 56 10.44 1.19 1.81
CA SER B 56 11.80 1.58 2.09
C SER B 56 11.99 3.01 1.61
N ASP B 57 13.18 3.54 1.90
CA ASP B 57 13.64 4.81 1.40
C ASP B 57 14.80 4.55 0.48
N VAL B 58 14.67 4.90 -0.78
CA VAL B 58 15.64 4.48 -1.77
C VAL B 58 17.04 4.98 -1.40
N THR B 59 17.12 5.93 -0.46
CA THR B 59 18.42 6.37 0.03
C THR B 59 18.96 5.41 1.08
N LYS B 60 18.03 4.84 1.87
CA LYS B 60 18.34 3.91 2.94
C LYS B 60 18.22 2.46 2.56
N LEU B 61 17.64 2.20 1.42
CA LEU B 61 17.48 0.83 0.95
C LEU B 61 18.78 0.30 0.38
N ASN B 62 19.03 -0.98 0.65
CA ASN B 62 20.17 -1.70 0.12
C ASN B 62 19.71 -2.46 -1.09
N PHE B 63 20.22 -2.08 -2.26
CA PHE B 63 19.74 -2.67 -3.50
C PHE B 63 20.43 -4.00 -3.82
N GLN B 64 21.46 -4.39 -3.07
CA GLN B 64 22.04 -5.71 -3.25
C GLN B 64 21.09 -6.80 -2.77
N ALA B 65 20.32 -6.51 -1.72
CA ALA B 65 19.31 -7.46 -1.26
C ALA B 65 18.28 -7.72 -2.34
N LEU B 66 17.85 -6.66 -3.04
CA LEU B 66 16.92 -6.83 -4.15
C LEU B 66 17.59 -7.54 -5.32
N ILE B 67 18.88 -7.28 -5.52
CA ILE B 67 19.60 -7.92 -6.63
C ILE B 67 19.82 -9.40 -6.34
N ASP B 68 20.31 -9.71 -5.13
CA ASP B 68 20.51 -11.10 -4.75
C ASP B 68 19.21 -11.89 -4.83
N ALA B 69 18.16 -11.37 -4.21
CA ALA B 69 16.89 -12.09 -4.13
C ALA B 69 16.29 -12.32 -5.51
N GLN B 70 16.38 -11.33 -6.38
CA GLN B 70 15.79 -11.47 -7.71
C GLN B 70 16.59 -12.44 -8.55
N MET B 71 17.89 -12.37 -8.46
CA MET B 71 18.73 -13.29 -9.18
C MET B 71 18.44 -14.69 -8.69
N ARG B 72 18.14 -14.80 -7.40
CA ARG B 72 18.05 -16.08 -6.71
C ARG B 72 16.80 -16.84 -7.11
N HIS B 73 15.66 -16.18 -7.02
CA HIS B 73 14.39 -16.82 -7.28
C HIS B 73 13.97 -16.62 -8.72
N ALA B 74 14.78 -15.89 -9.45
CA ALA B 74 14.55 -15.70 -10.86
C ALA B 74 15.89 -15.78 -11.55
N GLY B 75 15.90 -16.32 -12.75
CA GLY B 75 17.15 -16.42 -13.47
C GLY B 75 17.65 -15.04 -13.75
N LYS B 76 16.67 -14.20 -14.06
CA LYS B 76 16.77 -12.94 -14.73
C LYS B 76 17.05 -11.75 -13.85
N MET B 77 16.91 -10.60 -14.48
CA MET B 77 16.88 -9.27 -13.93
C MET B 77 15.73 -8.62 -14.68
N PHE B 78 15.40 -7.40 -14.33
CA PHE B 78 14.14 -6.75 -14.63
C PHE B 78 14.06 -6.37 -16.10
N ASP B 79 12.94 -6.70 -16.74
CA ASP B 79 12.74 -6.35 -18.13
C ASP B 79 12.33 -4.89 -18.27
N VAL B 80 11.63 -4.36 -17.26
CA VAL B 80 11.11 -3.00 -17.30
C VAL B 80 11.29 -2.36 -15.93
N ILE B 81 11.60 -1.07 -15.92
CA ILE B 81 11.65 -0.26 -14.71
C ILE B 81 10.81 0.98 -14.95
N MET B 82 9.93 1.26 -13.99
CA MET B 82 9.14 2.47 -13.96
C MET B 82 9.55 3.38 -12.83
N MET B 83 9.51 4.66 -13.11
CA MET B 83 9.86 5.69 -12.15
C MET B 83 8.90 6.87 -12.20
N ASP B 84 8.63 7.44 -11.05
CA ASP B 84 7.96 8.70 -10.91
C ASP B 84 8.65 9.49 -9.82
N PRO B 85 9.89 10.04 -10.15
CA PRO B 85 10.64 10.54 -8.99
C PRO B 85 10.01 11.67 -8.20
N PRO B 86 10.32 11.69 -6.83
CA PRO B 86 9.79 12.86 -6.12
C PRO B 86 10.74 14.04 -6.19
N TRP B 87 10.64 14.75 -7.30
CA TRP B 87 11.46 15.83 -7.69
C TRP B 87 11.07 16.90 -6.72
N GLN B 88 12.01 17.76 -6.35
CA GLN B 88 11.72 18.74 -5.35
C GLN B 88 11.50 20.04 -6.05
N LEU B 89 10.38 20.68 -5.76
CA LEU B 89 9.92 21.79 -6.56
C LEU B 89 9.36 22.92 -5.72
N ASP B 103 7.90 13.65 -2.79
CA ASP B 103 8.32 14.12 -1.48
C ASP B 103 9.75 14.67 -1.47
N SER B 104 10.02 15.57 -2.40
CA SER B 104 11.21 16.38 -2.33
C SER B 104 12.49 15.61 -2.12
N LEU B 105 12.80 14.69 -3.01
CA LEU B 105 14.09 14.04 -2.96
C LEU B 105 15.13 14.78 -3.79
N SER B 106 16.28 15.04 -3.18
CA SER B 106 17.39 15.74 -3.82
C SER B 106 17.58 15.22 -5.20
N ASP B 107 17.92 16.07 -6.16
CA ASP B 107 18.11 15.66 -7.55
C ASP B 107 19.26 14.72 -7.75
N GLU B 108 20.33 15.00 -7.03
CA GLU B 108 21.54 14.20 -7.03
C GLU B 108 21.28 12.84 -6.50
N LYS B 109 20.43 12.77 -5.49
CA LYS B 109 20.10 11.53 -4.83
C LYS B 109 19.41 10.51 -5.72
N ILE B 110 18.48 10.96 -6.54
CA ILE B 110 17.82 10.15 -7.51
C ILE B 110 18.75 9.64 -8.58
N GLN B 111 19.65 10.49 -9.04
CA GLN B 111 20.58 10.11 -10.08
C GLN B 111 21.49 9.05 -9.57
N ASN B 112 21.68 9.04 -8.28
CA ASN B 112 22.62 8.17 -7.63
C ASN B 112 22.14 6.78 -7.34
N MET B 113 20.89 6.48 -7.63
CA MET B 113 20.34 5.18 -7.32
C MET B 113 21.01 4.19 -8.21
N PRO B 114 21.35 3.00 -7.74
CA PRO B 114 22.06 2.15 -8.71
C PRO B 114 21.12 1.41 -9.65
N ILE B 115 20.52 2.14 -10.55
CA ILE B 115 19.59 1.57 -11.52
C ILE B 115 20.32 0.69 -12.52
N GLN B 116 21.57 0.99 -12.76
CA GLN B 116 22.36 0.33 -13.76
C GLN B 116 22.46 -1.12 -13.43
N SER B 117 22.52 -1.42 -12.15
CA SER B 117 22.73 -2.76 -11.65
C SER B 117 21.41 -3.51 -11.52
N LEU B 118 20.30 -2.77 -11.53
CA LEU B 118 19.01 -3.40 -11.31
C LEU B 118 18.53 -4.13 -12.56
N GLN B 119 18.89 -3.62 -13.72
CA GLN B 119 18.47 -4.19 -14.99
C GLN B 119 19.62 -4.25 -15.98
N GLN B 120 19.64 -5.26 -16.83
CA GLN B 120 20.73 -5.39 -17.79
C GLN B 120 20.38 -5.42 -19.25
N ASP B 121 19.20 -5.90 -19.61
CA ASP B 121 18.75 -5.93 -20.99
C ASP B 121 17.31 -5.50 -20.94
N GLY B 122 16.88 -4.52 -21.73
CA GLY B 122 15.49 -4.09 -21.65
C GLY B 122 15.18 -2.63 -21.65
N PHE B 123 14.02 -2.28 -21.12
CA PHE B 123 13.48 -0.94 -21.14
C PHE B 123 13.33 -0.33 -19.78
N ILE B 124 13.29 0.98 -19.76
CA ILE B 124 13.07 1.77 -18.55
C ILE B 124 12.06 2.86 -18.88
N PHE B 125 11.17 3.13 -17.94
CA PHE B 125 10.15 4.16 -18.07
C PHE B 125 10.31 5.13 -16.91
N VAL B 126 10.18 6.42 -17.18
CA VAL B 126 10.29 7.40 -16.11
C VAL B 126 9.52 8.64 -16.53
N TRP B 127 8.67 9.08 -15.61
CA TRP B 127 7.74 10.16 -15.84
C TRP B 127 8.42 11.49 -15.57
N ALA B 128 8.44 12.35 -16.58
CA ALA B 128 9.17 13.60 -16.54
C ALA B 128 8.20 14.77 -16.59
N ILE B 129 8.10 15.46 -15.48
CA ILE B 129 7.32 16.64 -15.40
C ILE B 129 8.06 17.67 -16.22
N ASN B 130 7.40 18.70 -16.67
CA ASN B 130 7.97 19.59 -17.65
C ASN B 130 9.23 20.24 -17.14
N ALA B 131 9.27 20.46 -15.83
CA ALA B 131 10.41 21.04 -15.16
C ALA B 131 11.65 20.21 -15.24
N LYS B 132 11.44 18.91 -15.24
CA LYS B 132 12.53 17.97 -15.26
C LYS B 132 12.65 17.11 -16.51
N TYR B 133 12.07 17.52 -17.63
CA TYR B 133 12.19 16.72 -18.84
C TYR B 133 13.61 16.61 -19.35
N ARG B 134 14.34 17.70 -19.40
CA ARG B 134 15.73 17.65 -19.84
C ARG B 134 16.62 16.93 -18.85
N VAL B 135 16.39 17.13 -17.58
CA VAL B 135 17.15 16.47 -16.53
C VAL B 135 16.94 14.98 -16.54
N THR B 136 15.72 14.56 -16.80
CA THR B 136 15.41 13.17 -16.88
C THR B 136 16.15 12.48 -18.01
N ILE B 137 16.26 13.12 -19.15
CA ILE B 137 16.97 12.61 -20.29
C ILE B 137 18.41 12.46 -19.98
N LYS B 138 18.97 13.42 -19.28
CA LYS B 138 20.34 13.37 -18.85
C LYS B 138 20.54 12.22 -17.91
N MET B 139 19.55 12.01 -17.07
CA MET B 139 19.57 10.96 -16.07
C MET B 139 19.58 9.55 -16.57
N ILE B 140 18.73 9.22 -17.52
CA ILE B 140 18.71 7.91 -18.12
C ILE B 140 19.91 7.63 -18.98
N GLU B 141 20.38 8.65 -19.66
CA GLU B 141 21.57 8.58 -20.47
C GLU B 141 22.77 8.34 -19.62
N ASN B 142 22.75 8.90 -18.43
CA ASN B 142 23.74 8.64 -17.41
C ASN B 142 23.75 7.23 -16.92
N TRP B 143 22.59 6.62 -16.83
CA TRP B 143 22.46 5.28 -16.35
C TRP B 143 22.64 4.31 -17.48
N GLY B 144 22.93 4.82 -18.67
CA GLY B 144 23.26 3.99 -19.81
C GLY B 144 22.18 3.63 -20.78
N TYR B 145 21.02 4.20 -20.62
CA TYR B 145 19.95 4.03 -21.59
C TYR B 145 20.03 4.93 -22.82
N LYS B 146 19.35 4.54 -23.87
CA LYS B 146 19.33 5.33 -25.06
C LYS B 146 17.90 5.74 -25.19
N LEU B 147 17.64 7.03 -25.28
CA LEU B 147 16.29 7.48 -25.34
C LEU B 147 15.75 7.05 -26.67
N VAL B 148 14.59 6.42 -26.68
CA VAL B 148 14.04 5.99 -27.94
C VAL B 148 12.61 6.39 -28.23
N ASP B 149 11.82 6.59 -27.20
CA ASP B 149 10.39 6.80 -27.34
C ASP B 149 9.89 7.60 -26.18
N GLU B 150 8.73 8.20 -26.34
CA GLU B 150 8.11 8.93 -25.24
C GLU B 150 6.64 8.71 -25.31
N ILE B 151 6.04 8.36 -24.19
CA ILE B 151 4.60 8.17 -24.06
C ILE B 151 3.95 9.51 -23.75
N THR B 152 2.83 9.79 -24.38
CA THR B 152 2.08 11.02 -24.16
C THR B 152 0.74 10.67 -23.53
N TRP B 153 0.45 11.30 -22.39
CA TRP B 153 -0.79 11.04 -21.65
C TRP B 153 -1.60 12.32 -21.57
N VAL B 154 -2.59 12.44 -22.44
CA VAL B 154 -3.40 13.64 -22.29
C VAL B 154 -4.53 13.35 -21.32
N LYS B 155 -5.01 14.44 -20.75
CA LYS B 155 -5.90 14.40 -19.59
C LYS B 155 -7.28 14.88 -20.04
N LYS B 156 -8.14 13.91 -20.31
CA LYS B 156 -9.51 14.10 -20.69
C LYS B 156 -10.43 14.67 -19.61
N THR B 157 -11.06 15.80 -19.90
CA THR B 157 -12.15 16.35 -19.08
C THR B 157 -13.21 15.30 -18.81
N VAL B 158 -13.59 14.73 -19.95
CA VAL B 158 -14.72 13.80 -20.04
C VAL B 158 -15.99 14.38 -19.45
N LYS B 161 -12.55 17.35 -22.98
CA LYS B 161 -11.56 16.36 -23.40
C LYS B 161 -10.19 17.01 -23.50
N ILE B 162 -9.98 18.06 -22.72
CA ILE B 162 -8.73 18.79 -22.70
C ILE B 162 -8.24 18.94 -21.25
N ALA B 163 -7.04 19.51 -21.10
CA ALA B 163 -6.40 19.65 -19.79
C ALA B 163 -5.80 21.03 -19.64
N LYS B 164 -6.16 21.69 -18.55
CA LYS B 164 -5.68 23.02 -18.39
C LYS B 164 -4.67 22.97 -17.27
N GLY B 165 -3.44 23.28 -17.60
CA GLY B 165 -2.40 23.35 -16.61
C GLY B 165 -1.66 24.59 -16.98
N HIS B 166 -1.11 25.28 -16.00
CA HIS B 166 -0.48 26.55 -16.25
C HIS B 166 0.99 26.36 -16.53
N GLY B 167 1.36 26.38 -17.80
CA GLY B 167 2.74 26.31 -18.20
C GLY B 167 3.33 27.68 -18.13
N PHE B 168 4.65 27.75 -18.00
CA PHE B 168 5.31 29.04 -18.12
C PHE B 168 5.16 29.57 -19.53
N TYR B 169 5.34 28.71 -20.52
CA TYR B 169 5.32 29.18 -21.89
C TYR B 169 4.14 28.68 -22.65
N LEU B 170 3.70 27.47 -22.34
CA LEU B 170 2.57 26.91 -23.02
C LEU B 170 1.83 26.19 -21.97
N GLN B 171 0.51 26.20 -22.01
CA GLN B 171 -0.25 25.42 -21.06
C GLN B 171 -0.01 23.94 -21.25
N HIS B 172 -0.13 23.19 -20.16
CA HIS B 172 0.19 21.76 -20.16
C HIS B 172 -1.08 20.94 -20.18
N ALA B 173 -1.22 20.09 -21.21
CA ALA B 173 -2.35 19.20 -21.34
C ALA B 173 -1.92 17.74 -21.28
N LYS B 174 -0.66 17.49 -20.90
CA LYS B 174 -0.16 16.14 -20.81
C LYS B 174 1.14 16.11 -20.03
N GLU B 175 1.39 14.97 -19.40
CA GLU B 175 2.70 14.61 -18.88
C GLU B 175 3.23 13.45 -19.72
N SER B 176 4.54 13.24 -19.66
CA SER B 176 5.19 12.36 -20.62
C SER B 176 6.06 11.33 -19.91
N CYS B 177 6.09 10.12 -20.46
CA CYS B 177 6.87 8.98 -20.00
C CYS B 177 8.05 8.77 -20.92
N LEU B 178 9.28 9.02 -20.48
CA LEU B 178 10.47 8.85 -21.30
C LEU B 178 10.90 7.40 -21.28
N ILE B 179 11.30 6.88 -22.43
CA ILE B 179 11.57 5.46 -22.61
C ILE B 179 13.01 5.31 -23.08
N GLY B 180 13.82 4.62 -22.28
CA GLY B 180 15.16 4.27 -22.68
C GLY B 180 15.30 2.76 -22.73
N VAL B 181 16.36 2.32 -23.42
CA VAL B 181 16.56 0.91 -23.73
C VAL B 181 18.04 0.58 -23.61
N LYS B 182 18.36 -0.59 -23.08
CA LYS B 182 19.72 -1.09 -23.10
C LYS B 182 19.69 -2.60 -23.28
N GLY B 183 20.67 -3.12 -24.01
CA GLY B 183 20.82 -4.54 -24.17
C GLY B 183 20.14 -5.09 -25.42
N ASP B 184 19.96 -6.40 -25.42
CA ASP B 184 19.35 -7.11 -26.54
C ASP B 184 17.85 -7.22 -26.30
N VAL B 185 17.08 -6.51 -27.13
CA VAL B 185 15.63 -6.70 -27.10
C VAL B 185 15.15 -7.47 -28.32
N ASP B 186 16.13 -7.94 -29.07
CA ASP B 186 15.95 -8.71 -30.28
C ASP B 186 15.19 -9.97 -29.93
N ASN B 187 15.21 -10.34 -28.66
CA ASN B 187 14.53 -11.51 -28.18
C ASN B 187 13.07 -11.34 -28.43
N GLY B 188 12.41 -12.46 -28.60
CA GLY B 188 10.97 -12.52 -28.70
C GLY B 188 10.39 -12.14 -27.37
N ARG B 189 11.22 -12.08 -26.33
CA ARG B 189 10.73 -11.76 -25.02
C ARG B 189 10.08 -10.40 -25.06
N PHE B 190 10.64 -9.47 -25.81
CA PHE B 190 10.08 -8.14 -25.91
C PHE B 190 9.47 -8.03 -27.26
N LYS B 191 8.22 -7.58 -27.35
CA LYS B 191 7.56 -7.52 -28.64
C LYS B 191 7.45 -6.11 -29.17
N LYS B 192 8.07 -5.88 -30.32
CA LYS B 192 8.05 -4.59 -30.97
C LYS B 192 6.75 -4.26 -31.66
N ASN B 193 6.50 -2.97 -31.84
CA ASN B 193 5.35 -2.46 -32.56
C ASN B 193 4.02 -2.93 -32.01
N ILE B 194 3.96 -3.02 -30.69
CA ILE B 194 2.76 -3.50 -30.05
C ILE B 194 1.83 -2.41 -29.54
N ALA B 195 2.41 -1.33 -29.05
CA ALA B 195 1.66 -0.40 -28.22
C ALA B 195 1.75 1.04 -28.71
N SER B 196 0.85 1.88 -28.19
CA SER B 196 0.77 3.30 -28.50
C SER B 196 1.76 4.20 -27.81
N ASP B 197 1.93 5.41 -28.35
CA ASP B 197 2.55 6.54 -27.68
C ASP B 197 1.57 7.30 -26.81
N VAL B 198 0.33 7.32 -27.22
CA VAL B 198 -0.62 8.21 -26.63
C VAL B 198 -1.56 7.42 -25.77
N ILE B 199 -1.76 7.93 -24.57
CA ILE B 199 -2.66 7.36 -23.61
C ILE B 199 -3.69 8.40 -23.32
N PHE B 200 -4.94 7.98 -23.16
CA PHE B 200 -6.04 8.91 -22.96
C PHE B 200 -6.82 8.88 -21.65
N SER B 201 -6.25 8.37 -20.59
CA SER B 201 -7.02 8.16 -19.37
C SER B 201 -7.44 9.47 -18.73
N GLU B 202 -8.40 9.37 -17.80
CA GLU B 202 -8.79 10.43 -16.89
C GLU B 202 -7.76 10.63 -15.79
N ARG B 203 -7.82 11.82 -15.21
CA ARG B 203 -6.85 12.23 -14.21
C ARG B 203 -7.27 11.70 -12.88
N ARG B 204 -7.29 10.39 -12.82
CA ARG B 204 -7.76 9.71 -11.64
C ARG B 204 -6.87 10.13 -10.53
N GLY B 205 -7.47 10.58 -9.44
CA GLY B 205 -6.93 10.48 -8.10
C GLY B 205 -5.57 11.07 -8.00
N GLN B 206 -5.26 12.03 -8.85
CA GLN B 206 -3.87 12.32 -9.09
C GLN B 206 -3.25 12.83 -7.81
N SER B 207 -1.94 12.71 -7.66
CA SER B 207 -1.04 12.43 -8.75
C SER B 207 -1.07 10.94 -8.97
N GLN B 208 -1.63 10.50 -10.08
CA GLN B 208 -1.74 9.07 -10.36
C GLN B 208 -1.69 8.83 -11.83
N LYS B 209 -0.83 7.92 -12.27
CA LYS B 209 -0.71 7.63 -13.69
C LYS B 209 -1.80 6.71 -14.21
N PRO B 210 -1.94 6.68 -15.51
CA PRO B 210 -2.98 5.87 -16.15
C PRO B 210 -2.72 4.39 -15.95
N GLU B 211 -3.77 3.61 -15.74
CA GLU B 211 -3.53 2.20 -15.63
C GLU B 211 -3.00 1.69 -16.94
N GLU B 212 -3.48 2.22 -18.05
CA GLU B 212 -3.12 1.53 -19.27
C GLU B 212 -1.63 1.63 -19.60
N ILE B 213 -0.82 2.24 -18.72
CA ILE B 213 0.62 2.05 -18.80
C ILE B 213 0.97 0.59 -18.66
N TYR B 214 0.43 -0.07 -17.63
CA TYR B 214 0.73 -1.46 -17.38
C TYR B 214 0.15 -2.37 -18.46
N GLN B 215 -0.94 -1.94 -19.08
CA GLN B 215 -1.43 -2.63 -20.27
C GLN B 215 -0.42 -2.52 -21.40
N TYR B 216 0.10 -1.33 -21.62
CA TYR B 216 1.10 -1.13 -22.64
C TYR B 216 2.36 -1.90 -22.37
N ILE B 217 2.79 -1.93 -21.14
CA ILE B 217 3.97 -2.72 -20.80
C ILE B 217 3.71 -4.19 -21.03
N ASN B 218 2.49 -4.63 -20.82
CA ASN B 218 2.17 -5.98 -21.13
C ASN B 218 2.34 -6.20 -22.60
N GLN B 219 1.81 -5.32 -23.41
CA GLN B 219 1.92 -5.55 -24.81
C GLN B 219 3.38 -5.58 -25.16
N LEU B 220 4.14 -4.62 -24.66
CA LEU B 220 5.52 -4.51 -25.04
C LEU B 220 6.32 -5.71 -24.62
N CYS B 221 6.09 -6.17 -23.40
CA CYS B 221 6.72 -7.39 -22.98
C CYS B 221 5.85 -8.12 -21.97
N PRO B 222 5.25 -9.29 -22.43
CA PRO B 222 4.31 -9.86 -21.49
C PRO B 222 4.90 -10.91 -20.58
N ASN B 223 4.27 -11.10 -19.43
CA ASN B 223 4.73 -12.08 -18.47
C ASN B 223 6.18 -11.88 -18.10
N GLY B 224 6.57 -10.65 -17.82
CA GLY B 224 7.95 -10.34 -17.56
C GLY B 224 8.21 -9.89 -16.13
N ASN B 225 9.49 -9.78 -15.77
CA ASN B 225 9.87 -9.28 -14.45
C ASN B 225 9.95 -7.77 -14.52
N TYR B 226 9.14 -7.09 -13.71
CA TYR B 226 9.07 -5.64 -13.73
C TYR B 226 9.48 -5.05 -12.39
N LEU B 227 9.78 -3.76 -12.42
CA LEU B 227 10.19 -3.00 -11.23
C LEU B 227 9.58 -1.60 -11.33
N GLU B 228 9.07 -1.12 -10.21
CA GLU B 228 8.65 0.26 -10.13
C GLU B 228 9.26 0.90 -8.89
N ILE B 229 9.85 2.06 -9.07
CA ILE B 229 10.45 2.81 -7.98
C ILE B 229 9.62 4.06 -7.73
N PHE B 230 9.51 4.44 -6.46
CA PHE B 230 8.57 5.44 -5.98
C PHE B 230 7.11 5.12 -6.29
N ALA B 231 6.76 3.86 -6.11
CA ALA B 231 5.41 3.35 -6.28
C ALA B 231 4.51 3.65 -5.10
N ARG B 232 3.22 3.61 -5.34
CA ARG B 232 2.25 3.87 -4.31
C ARG B 232 1.25 2.76 -4.35
N ARG B 233 0.41 2.64 -3.33
CA ARG B 233 -0.38 1.45 -3.17
C ARG B 233 -1.24 1.25 -4.40
N ASN B 234 -1.61 2.33 -5.05
CA ASN B 234 -2.40 2.25 -6.27
C ASN B 234 -1.67 1.50 -7.35
N ASN B 235 -0.37 1.69 -7.40
CA ASN B 235 0.46 1.11 -8.44
C ASN B 235 0.55 -0.38 -8.48
N LEU B 236 0.44 -1.03 -7.34
CA LEU B 236 0.77 -2.42 -7.25
C LEU B 236 -0.02 -3.29 -8.21
N HIS B 237 0.72 -4.07 -8.97
CA HIS B 237 0.21 -4.93 -9.99
C HIS B 237 0.93 -6.26 -9.91
N ASP B 238 0.35 -7.27 -10.53
CA ASP B 238 0.94 -8.58 -10.55
C ASP B 238 2.27 -8.59 -11.27
N ASN B 239 3.26 -9.20 -10.66
CA ASN B 239 4.59 -9.36 -11.20
C ASN B 239 5.51 -8.19 -10.94
N TRP B 240 5.00 -7.15 -10.32
CA TRP B 240 5.75 -5.96 -10.18
C TRP B 240 6.33 -5.86 -8.80
N VAL B 241 7.64 -5.69 -8.74
CA VAL B 241 8.27 -5.33 -7.51
C VAL B 241 8.14 -3.83 -7.43
N SER B 242 7.65 -3.38 -6.30
CA SER B 242 7.25 -2.02 -6.03
C SER B 242 7.98 -1.50 -4.81
N ILE B 243 8.68 -0.37 -4.92
CA ILE B 243 9.37 0.25 -3.80
C ILE B 243 8.85 1.66 -3.61
N GLY B 244 8.35 1.95 -2.42
CA GLY B 244 7.90 3.28 -2.08
C GLY B 244 7.74 3.39 -0.58
N ASN B 245 8.04 4.57 -0.07
CA ASN B 245 7.94 4.80 1.37
C ASN B 245 6.51 4.91 1.86
N GLU B 246 5.53 4.85 0.96
CA GLU B 246 4.18 4.86 1.52
C GLU B 246 3.47 3.54 1.33
N LEU B 247 4.25 2.47 1.16
CA LEU B 247 3.70 1.12 1.10
C LEU B 247 3.67 0.48 2.48
N SAM C . 3.77 7.81 -10.03
CA SAM C . 3.13 7.65 -8.75
C SAM C . 1.73 7.23 -9.00
O SAM C . 0.86 7.63 -8.23
OXT SAM C . 1.48 6.51 -9.97
CB SAM C . 3.20 8.97 -8.03
CG SAM C . 4.35 8.94 -7.06
SD SAM C . 4.85 10.48 -6.74
CE SAM C . 5.35 11.13 -8.16
C5' SAM C . 6.09 10.50 -5.64
C4' SAM C . 6.24 9.21 -4.84
O4' SAM C . 7.57 9.08 -4.37
C3' SAM C . 5.40 9.17 -3.58
O3' SAM C . 4.47 8.10 -3.66
C2' SAM C . 6.31 8.80 -2.47
O2' SAM C . 5.68 7.68 -1.88
C1' SAM C . 7.60 8.39 -3.14
N9 SAM C . 8.78 8.80 -2.36
C8 SAM C . 9.06 10.04 -1.93
N7 SAM C . 10.22 10.09 -1.25
C5 SAM C . 10.71 8.85 -1.25
C6 SAM C . 11.89 8.22 -0.68
N6 SAM C . 12.79 8.95 -0.01
N1 SAM C . 12.06 6.92 -0.87
C2 SAM C . 11.16 6.19 -1.55
N3 SAM C . 10.04 6.70 -2.08
C4 SAM C . 9.76 8.01 -1.96
#